data_8ZH9
#
_entry.id   8ZH9
#
_cell.length_a   33.318
_cell.length_b   62.345
_cell.length_c   99.011
_cell.angle_alpha   90.000
_cell.angle_beta   90.000
_cell.angle_gamma   90.000
#
_symmetry.space_group_name_H-M   'P 21 21 21'
#
loop_
_entity.id
_entity.type
_entity.pdbx_description
1 polymer "DNA (5'-D(*AP*CP*CP*AP*GP*TP*CP*CP*GP*GP*AP*AP*AP*TP*TP*T)-3')"
2 polymer "DNA (5'-D(*AP*AP*AP*TP*TP*TP*CP*CP*GP*GP*AP*CP*TP*GP*GP*T)-3')"
3 polymer 'ETS transcription factor ELK1'
4 water water
#
loop_
_entity_poly.entity_id
_entity_poly.type
_entity_poly.pdbx_seq_one_letter_code
_entity_poly.pdbx_strand_id
1 'polydeoxyribonucleotide' (DA)(DC)(DC)(DA)(DG)(DT)(DC)(DC)(DG)(DG)(DA)(DA)(DA)(DT)(DT)(DT) A
2 'polydeoxyribonucleotide' (DA)(DA)(DA)(DT)(DT)(DT)(DC)(DC)(DG)(DG)(DA)(DC)(DT)(DG)(DG)(DT) B
3 'polypeptide(L)'
;MDPSVTLWQFLLQLLREQGNGHIISWTSRDGGEFKLVDAEEVARLWGLRKNKTNMNYDKLSRALRYYYDKNIIRKVSGQK
FVYKFVSYPEVAGC
;
C
#
loop_
_chem_comp.id
_chem_comp.type
_chem_comp.name
_chem_comp.formula
DA DNA linking 2'-DEOXYADENOSINE-5'-MONOPHOSPHATE 'C10 H14 N5 O6 P'
DC DNA linking 2'-DEOXYCYTIDINE-5'-MONOPHOSPHATE 'C9 H14 N3 O7 P'
DG DNA linking 2'-DEOXYGUANOSINE-5'-MONOPHOSPHATE 'C10 H14 N5 O7 P'
DT DNA linking THYMIDINE-5'-MONOPHOSPHATE 'C10 H15 N2 O8 P'
#
# COMPACT_ATOMS: atom_id res chain seq x y z
N SER C 4 3.31 -14.63 8.27
CA SER C 4 2.36 -14.96 7.22
C SER C 4 1.54 -13.74 6.79
N VAL C 5 2.15 -12.56 6.86
CA VAL C 5 1.47 -11.32 6.49
C VAL C 5 1.62 -11.09 5.00
N THR C 6 0.61 -10.48 4.40
CA THR C 6 0.65 -10.14 2.98
C THR C 6 0.75 -8.63 2.83
N LEU C 7 1.24 -8.21 1.67
CA LEU C 7 1.38 -6.79 1.41
C LEU C 7 0.07 -6.06 1.67
N TRP C 8 -1.05 -6.59 1.19
CA TRP C 8 -2.28 -5.82 1.30
C TRP C 8 -2.75 -5.72 2.74
N GLN C 9 -2.65 -6.81 3.51
CA GLN C 9 -2.96 -6.68 4.94
C GLN C 9 -2.03 -5.68 5.63
N PHE C 10 -0.77 -5.64 5.22
CA PHE C 10 0.18 -4.72 5.84
C PHE C 10 -0.21 -3.26 5.58
N LEU C 11 -0.48 -2.93 4.31
CA LEU C 11 -0.96 -1.59 4.01
C LEU C 11 -2.22 -1.26 4.80
N LEU C 12 -3.16 -2.21 4.87
CA LEU C 12 -4.39 -1.97 5.64
C LEU C 12 -4.09 -1.65 7.10
N GLN C 13 -3.20 -2.42 7.73
CA GLN C 13 -2.87 -2.14 9.11
C GLN C 13 -2.23 -0.77 9.26
N LEU C 14 -1.35 -0.40 8.33
CA LEU C 14 -0.76 0.95 8.35
C LEU C 14 -1.84 2.02 8.25
N LEU C 15 -2.89 1.76 7.45
CA LEU C 15 -3.93 2.76 7.29
C LEU C 15 -4.88 2.82 8.48
N ARG C 16 -5.07 1.70 9.19
CA ARG C 16 -6.02 1.66 10.29
C ARG C 16 -5.40 2.05 11.63
N GLU C 17 -4.16 2.50 11.62
CA GLU C 17 -3.42 2.80 12.83
C GLU C 17 -3.03 4.26 12.78
N GLN C 18 -3.33 5.00 13.84
CA GLN C 18 -3.05 6.43 13.86
C GLN C 18 -1.55 6.69 13.91
N GLY C 19 -1.14 7.78 13.26
CA GLY C 19 0.23 8.23 13.29
C GLY C 19 1.00 8.06 12.00
N ASN C 20 0.40 7.43 10.99
CA ASN C 20 1.07 7.10 9.75
C ASN C 20 0.70 8.02 8.60
N GLY C 21 -0.04 9.09 8.89
CA GLY C 21 -0.52 9.99 7.84
C GLY C 21 0.57 10.64 7.01
N HIS C 22 1.76 10.83 7.58
CA HIS C 22 2.87 11.35 6.80
C HIS C 22 3.45 10.33 5.84
N ILE C 23 3.07 9.05 5.92
CA ILE C 23 3.60 8.10 4.95
C ILE C 23 2.51 7.39 4.15
N ILE C 24 1.32 7.21 4.72
CA ILE C 24 0.22 6.59 4.00
C ILE C 24 -1.07 7.22 4.46
N SER C 25 -2.05 7.28 3.56
CA SER C 25 -3.25 8.05 3.87
C SER C 25 -4.36 7.67 2.90
N TRP C 26 -5.59 7.67 3.41
CA TRP C 26 -6.73 7.48 2.54
C TRP C 26 -6.90 8.71 1.68
N THR C 27 -7.33 8.51 0.44
CA THR C 27 -7.86 9.59 -0.35
C THR C 27 -9.37 9.49 -0.51
N SER C 28 -9.90 8.28 -0.61
CA SER C 28 -11.33 8.05 -0.43
C SER C 28 -11.48 6.82 0.48
N ARG C 29 -11.86 7.05 1.74
CA ARG C 29 -12.00 5.93 2.67
C ARG C 29 -13.10 4.98 2.22
N ASP C 30 -14.25 5.53 1.83
CA ASP C 30 -15.35 4.69 1.36
C ASP C 30 -15.00 4.02 0.05
N GLY C 31 -14.17 4.67 -0.77
CA GLY C 31 -13.73 4.10 -2.02
C GLY C 31 -12.60 3.11 -1.91
N GLY C 32 -12.08 2.88 -0.70
CA GLY C 32 -10.90 2.06 -0.54
C GLY C 32 -9.66 2.61 -1.19
N GLU C 33 -9.65 3.90 -1.52
CA GLU C 33 -8.56 4.53 -2.25
C GLU C 33 -7.58 5.20 -1.29
N PHE C 34 -6.30 4.84 -1.41
CA PHE C 34 -5.25 5.31 -0.51
C PHE C 34 -4.02 5.74 -1.29
N LYS C 35 -3.26 6.65 -0.71
CA LYS C 35 -2.03 7.17 -1.31
C LYS C 35 -0.83 6.79 -0.45
N LEU C 36 0.21 6.31 -1.12
CA LEU C 36 1.51 6.10 -0.49
C LEU C 36 2.22 7.47 -0.47
N VAL C 37 1.99 8.23 0.61
CA VAL C 37 2.51 9.59 0.69
C VAL C 37 4.04 9.60 0.67
N ASP C 38 4.67 8.68 1.40
CA ASP C 38 6.13 8.47 1.41
C ASP C 38 6.34 7.03 0.99
N ALA C 39 6.31 6.80 -0.33
CA ALA C 39 6.30 5.43 -0.82
C ALA C 39 7.57 4.70 -0.45
N GLU C 40 8.74 5.36 -0.53
CA GLU C 40 9.95 4.65 -0.17
C GLU C 40 9.96 4.29 1.31
N GLU C 41 9.34 5.13 2.14
CA GLU C 41 9.25 4.79 3.55
C GLU C 41 8.34 3.59 3.80
N VAL C 42 7.17 3.57 3.15
CA VAL C 42 6.27 2.43 3.25
C VAL C 42 6.98 1.16 2.81
N ALA C 43 7.78 1.25 1.74
CA ALA C 43 8.45 0.07 1.22
C ALA C 43 9.52 -0.42 2.19
N ARG C 44 10.32 0.49 2.72
CA ARG C 44 11.26 0.14 3.78
C ARG C 44 10.56 -0.57 4.93
N LEU C 45 9.40 -0.06 5.35
CA LEU C 45 8.73 -0.68 6.50
C LEU C 45 8.22 -2.07 6.15
N TRP C 46 7.79 -2.25 4.89
CA TRP C 46 7.34 -3.55 4.41
C TRP C 46 8.48 -4.56 4.37
N GLY C 47 9.66 -4.13 3.91
CA GLY C 47 10.81 -5.01 3.95
C GLY C 47 11.19 -5.35 5.38
N LEU C 48 11.02 -4.40 6.29
CA LEU C 48 11.41 -4.62 7.67
C LEU C 48 10.47 -5.59 8.35
N ARG C 49 9.20 -5.59 7.94
CA ARG C 49 8.28 -6.61 8.40
C ARG C 49 8.85 -8.01 8.18
N LYS C 50 9.70 -8.20 7.16
CA LYS C 50 10.35 -9.47 6.87
C LYS C 50 11.84 -9.45 7.18
N ASN C 51 12.28 -8.55 8.07
CA ASN C 51 13.68 -8.47 8.50
C ASN C 51 14.63 -8.20 7.34
N LYS C 52 14.16 -7.49 6.32
CA LYS C 52 15.01 -7.08 5.21
C LYS C 52 15.05 -5.56 5.16
N THR C 53 16.20 -5.02 4.79
CA THR C 53 16.41 -3.58 4.79
C THR C 53 16.42 -2.98 3.40
N ASN C 54 16.09 -3.76 2.37
CA ASN C 54 16.36 -3.35 1.00
C ASN C 54 15.12 -3.39 0.12
N MET C 55 13.93 -3.35 0.71
CA MET C 55 12.72 -3.27 -0.07
C MET C 55 12.49 -1.83 -0.48
N ASN C 56 12.14 -1.60 -1.74
CA ASN C 56 11.95 -0.24 -2.23
C ASN C 56 10.62 -0.15 -2.98
N TYR C 57 10.29 1.04 -3.49
CA TYR C 57 8.97 1.23 -4.07
C TYR C 57 8.84 0.48 -5.39
N ASP C 58 9.93 0.33 -6.14
CA ASP C 58 9.89 -0.47 -7.36
C ASP C 58 9.38 -1.88 -7.06
N LYS C 59 10.01 -2.56 -6.10
CA LYS C 59 9.64 -3.96 -5.86
C LYS C 59 8.26 -4.10 -5.20
N LEU C 60 7.97 -3.24 -4.22
CA LEU C 60 6.66 -3.26 -3.57
C LEU C 60 5.55 -2.99 -4.59
N SER C 61 5.79 -2.04 -5.49
CA SER C 61 4.79 -1.75 -6.51
C SER C 61 4.63 -2.90 -7.50
N ARG C 62 5.71 -3.63 -7.80
CA ARG C 62 5.53 -4.85 -8.59
C ARG C 62 4.61 -5.84 -7.89
N ALA C 63 4.73 -5.97 -6.56
CA ALA C 63 3.83 -6.88 -5.85
C ALA C 63 2.38 -6.39 -5.93
N LEU C 64 2.20 -5.06 -5.80
CA LEU C 64 0.87 -4.49 -5.98
C LEU C 64 0.33 -4.78 -7.38
N ARG C 65 1.18 -4.65 -8.41
CA ARG C 65 0.71 -4.93 -9.77
C ARG C 65 0.29 -6.39 -9.93
N TYR C 66 0.98 -7.30 -9.25
CA TYR C 66 0.47 -8.67 -9.25
C TYR C 66 -0.89 -8.78 -8.60
N TYR C 67 -1.29 -7.81 -7.78
CA TYR C 67 -2.64 -7.88 -7.25
C TYR C 67 -3.74 -7.53 -8.28
N TYR C 68 -3.39 -6.91 -9.41
CA TYR C 68 -4.42 -6.38 -10.32
C TYR C 68 -5.28 -7.51 -10.88
N ASP C 69 -4.64 -8.60 -11.33
CA ASP C 69 -5.40 -9.71 -11.88
C ASP C 69 -6.21 -10.43 -10.81
N LYS C 70 -5.83 -10.32 -9.55
CA LYS C 70 -6.51 -11.00 -8.46
C LYS C 70 -7.72 -10.22 -7.94
N ASN C 71 -8.00 -9.04 -8.51
CA ASN C 71 -9.06 -8.15 -8.03
C ASN C 71 -8.91 -7.79 -6.55
N ILE C 72 -7.68 -7.72 -6.06
CA ILE C 72 -7.43 -7.32 -4.69
C ILE C 72 -7.20 -5.81 -4.60
N ILE C 73 -6.36 -5.27 -5.47
CA ILE C 73 -6.01 -3.87 -5.48
C ILE C 73 -5.84 -3.46 -6.94
N ARG C 74 -6.29 -2.24 -7.27
CA ARG C 74 -6.09 -1.68 -8.59
C ARG C 74 -5.36 -0.36 -8.48
N LYS C 75 -4.82 0.08 -9.61
CA LYS C 75 -4.28 1.43 -9.68
C LYS C 75 -5.42 2.41 -9.92
N VAL C 76 -5.42 3.51 -9.18
CA VAL C 76 -6.21 4.67 -9.54
C VAL C 76 -5.43 5.42 -10.61
N SER C 77 -5.93 5.37 -11.85
CA SER C 77 -5.21 5.89 -12.99
C SER C 77 -5.07 7.40 -12.90
N GLY C 78 -3.85 7.89 -13.15
CA GLY C 78 -3.63 9.32 -13.17
C GLY C 78 -3.49 9.98 -11.82
N GLN C 79 -3.48 9.21 -10.73
CA GLN C 79 -3.21 9.75 -9.39
C GLN C 79 -1.96 9.09 -8.86
N LYS C 80 -0.88 9.87 -8.72
CA LYS C 80 0.43 9.28 -8.44
C LYS C 80 0.43 8.68 -7.05
N PHE C 81 0.89 7.44 -6.96
CA PHE C 81 1.01 6.70 -5.70
C PHE C 81 -0.34 6.29 -5.11
N VAL C 82 -1.44 6.44 -5.84
CA VAL C 82 -2.76 6.10 -5.34
C VAL C 82 -3.16 4.72 -5.87
N TYR C 83 -3.60 3.86 -4.96
CA TYR C 83 -4.11 2.53 -5.25
C TYR C 83 -5.46 2.41 -4.59
N LYS C 84 -6.15 1.29 -4.86
CA LYS C 84 -7.52 1.15 -4.40
C LYS C 84 -7.78 -0.31 -4.05
N PHE C 85 -8.19 -0.56 -2.80
CA PHE C 85 -8.71 -1.88 -2.42
C PHE C 85 -10.06 -2.11 -3.08
N VAL C 86 -10.21 -3.22 -3.79
CA VAL C 86 -11.47 -3.53 -4.43
C VAL C 86 -12.51 -4.02 -3.43
N SER C 87 -12.08 -4.77 -2.42
CA SER C 87 -13.01 -5.25 -1.39
C SER C 87 -12.93 -4.35 -0.16
N TYR C 88 -14.10 -4.08 0.44
CA TYR C 88 -14.25 -2.93 1.32
C TYR C 88 -13.27 -2.95 2.49
N PRO C 89 -12.42 -1.93 2.63
CA PRO C 89 -11.44 -1.73 3.70
C PRO C 89 -11.85 -0.61 4.67
#